data_3VKC
#
_entry.id   3VKC
#
_cell.length_a   46.735
_cell.length_b   59.721
_cell.length_c   59.062
_cell.angle_alpha   66.70
_cell.angle_beta   71.15
_cell.angle_gamma   65.96
#
_symmetry.space_group_name_H-M   'P 1'
#
loop_
_entity.id
_entity.type
_entity.pdbx_description
1 polymer MoeO5
2 non-polymer 'MAGNESIUM ION'
3 non-polymer '(2R)-3-(phosphonooxy)-2-{[(2Z,6E)-3,7,11-trimethyldodeca-2,6,10-trien-1-yl]oxy}propanoic acid'
4 non-polymer 'PYROPHOSPHATE 2-'
5 water water
#
_entity_poly.entity_id   1
_entity_poly.type   'polypeptide(L)'
_entity_poly.pdbx_seq_one_letter_code
;AGAGAMNASPQLDHHTELHAAPPLWRPGRVLARLREHQPGPVHIIDPFKVPVTEAVEKAAELTRLGFAAVLLASTDYESF
ESHMEPYVAAVKAATPLPVVLHFPPRPGAGFPVVRGADALLLPALLGSGDDYFVWKSFLETLAAFPGRIPREEWPELLLT
VALTFGEDPRTGDLLGTVPVSTASTEEIDRYLHVARAFGFHMVYLYSRNEHVPPEVVRHFRKGLGPDQVLFVSGNVRSGR
QVTEYLDSGADYVGFAGALEQPDWRSALAEIAGRRPAAPARPGSGR
;
_entity_poly.pdbx_strand_id   A,B
#
# COMPACT_ATOMS: atom_id res chain seq x y z
N ALA A 21 18.13 8.52 9.44
CA ALA A 21 16.79 8.16 10.00
C ALA A 21 16.68 6.64 9.93
N PRO A 22 15.68 6.03 10.60
CA PRO A 22 15.54 4.56 10.55
C PRO A 22 15.15 4.05 9.16
N PRO A 23 15.72 2.89 8.71
CA PRO A 23 15.32 2.41 7.37
C PRO A 23 13.78 2.27 7.22
N LEU A 24 13.11 1.89 8.30
CA LEU A 24 11.70 1.68 8.40
C LEU A 24 11.23 0.75 7.29
N TRP A 25 10.52 1.25 6.28
CA TRP A 25 10.00 0.44 5.18
C TRP A 25 11.04 0.14 4.10
N ARG A 26 12.23 0.76 4.20
CA ARG A 26 13.27 0.51 3.21
C ARG A 26 14.08 -0.72 3.70
N PRO A 27 14.75 -1.42 2.79
CA PRO A 27 15.53 -2.57 3.27
C PRO A 27 16.62 -2.14 4.29
N GLY A 28 16.74 -2.97 5.35
CA GLY A 28 17.73 -2.75 6.38
C GLY A 28 18.56 -3.98 6.71
N ARG A 29 19.10 -4.05 7.92
CA ARG A 29 19.97 -5.16 8.27
C ARG A 29 19.26 -6.47 8.33
N VAL A 30 18.03 -6.47 8.82
CA VAL A 30 17.35 -7.77 8.95
C VAL A 30 17.02 -8.33 7.60
N LEU A 31 16.46 -7.50 6.72
CA LEU A 31 16.17 -8.05 5.39
C LEU A 31 17.44 -8.50 4.66
N ALA A 32 18.55 -7.76 4.82
CA ALA A 32 19.80 -8.19 4.19
C ALA A 32 20.18 -9.59 4.69
N ARG A 33 20.09 -9.79 6.00
CA ARG A 33 20.41 -11.12 6.54
C ARG A 33 19.45 -12.14 5.97
N LEU A 34 18.16 -11.85 5.98
CA LEU A 34 17.26 -12.92 5.47
C LEU A 34 17.49 -13.23 4.01
N ARG A 35 17.86 -12.22 3.21
CA ARG A 35 18.13 -12.46 1.81
C ARG A 35 19.36 -13.33 1.52
N GLU A 36 20.39 -13.16 2.34
CA GLU A 36 21.68 -13.81 2.14
C GLU A 36 21.95 -15.08 2.99
N HIS A 37 21.29 -15.21 4.12
CA HIS A 37 21.53 -16.36 5.02
C HIS A 37 21.13 -17.67 4.37
N GLN A 38 21.83 -18.71 4.80
CA GLN A 38 21.47 -20.00 4.29
C GLN A 38 20.03 -20.37 4.62
N PRO A 39 19.30 -20.93 3.64
CA PRO A 39 17.90 -21.31 3.88
C PRO A 39 17.83 -22.37 4.95
N GLY A 40 16.71 -22.38 5.69
CA GLY A 40 16.61 -23.37 6.73
C GLY A 40 15.36 -23.18 7.58
N PRO A 41 15.22 -23.98 8.63
CA PRO A 41 14.05 -23.87 9.52
C PRO A 41 14.22 -22.62 10.39
N VAL A 42 13.07 -22.12 10.86
CA VAL A 42 13.04 -20.98 11.75
C VAL A 42 12.00 -21.31 12.77
N HIS A 43 12.37 -21.31 14.06
CA HIS A 43 11.41 -21.53 15.11
C HIS A 43 10.69 -20.21 15.45
N ILE A 44 9.37 -20.33 15.67
CA ILE A 44 8.49 -19.20 16.00
C ILE A 44 8.01 -19.42 17.44
N ILE A 45 8.33 -18.48 18.33
CA ILE A 45 7.93 -18.56 19.72
C ILE A 45 6.65 -17.70 19.88
N ASP A 46 5.59 -18.30 20.41
CA ASP A 46 4.33 -17.53 20.66
C ASP A 46 4.55 -16.95 22.08
N PRO A 47 4.80 -15.63 22.19
CA PRO A 47 5.09 -15.05 23.48
C PRO A 47 3.99 -14.93 24.45
N PHE A 48 2.79 -15.13 23.95
CA PHE A 48 1.65 -15.07 24.85
C PHE A 48 1.33 -16.42 25.42
N LYS A 49 1.86 -17.48 24.82
CA LYS A 49 1.67 -18.85 25.31
C LYS A 49 2.91 -19.36 26.04
N VAL A 50 4.08 -19.04 25.52
CA VAL A 50 5.31 -19.60 26.04
C VAL A 50 5.92 -18.70 27.13
N PRO A 51 6.13 -19.23 28.33
CA PRO A 51 6.73 -18.40 29.39
C PRO A 51 8.09 -17.85 28.97
N VAL A 52 8.40 -16.62 29.37
CA VAL A 52 9.65 -16.03 28.97
C VAL A 52 10.87 -16.91 29.36
N THR A 53 10.85 -17.60 30.49
CA THR A 53 12.02 -18.42 30.87
C THR A 53 12.27 -19.53 29.85
N GLU A 54 11.17 -20.08 29.33
CA GLU A 54 11.25 -21.14 28.33
C GLU A 54 11.70 -20.52 26.99
N ALA A 55 11.21 -19.31 26.68
CA ALA A 55 11.63 -18.68 25.44
C ALA A 55 13.16 -18.44 25.47
N VAL A 56 13.69 -18.05 26.62
CA VAL A 56 15.11 -17.79 26.73
C VAL A 56 15.86 -19.11 26.57
N GLU A 57 15.36 -20.20 27.14
CA GLU A 57 16.06 -21.48 26.97
C GLU A 57 16.07 -21.84 25.49
N LYS A 58 14.90 -21.69 24.86
CA LYS A 58 14.81 -22.02 23.44
C LYS A 58 15.74 -21.15 22.65
N ALA A 59 15.77 -19.86 22.92
CA ALA A 59 16.61 -18.93 22.19
C ALA A 59 18.08 -19.39 22.15
N ALA A 60 18.57 -19.87 23.28
CA ALA A 60 19.94 -20.33 23.36
C ALA A 60 20.15 -21.53 22.42
N GLU A 61 19.17 -22.44 22.32
CA GLU A 61 19.32 -23.56 21.43
C GLU A 61 19.21 -23.13 19.96
N LEU A 62 18.33 -22.17 19.62
CA LEU A 62 18.21 -21.75 18.22
C LEU A 62 19.51 -21.15 17.73
N THR A 63 20.25 -20.54 18.66
CA THR A 63 21.53 -19.91 18.35
C THR A 63 22.51 -21.01 18.03
N ARG A 64 22.54 -22.03 18.84
CA ARG A 64 23.42 -23.18 18.59
C ARG A 64 23.15 -23.87 17.26
N LEU A 65 21.90 -23.79 16.75
CA LEU A 65 21.56 -24.42 15.50
C LEU A 65 21.77 -23.58 14.25
N GLY A 66 22.16 -22.32 14.43
CA GLY A 66 22.42 -21.43 13.31
C GLY A 66 21.18 -20.95 12.54
N PHE A 67 20.07 -20.81 13.24
CA PHE A 67 18.88 -20.33 12.55
C PHE A 67 19.04 -18.85 12.19
N ALA A 68 18.33 -18.42 11.16
CA ALA A 68 18.47 -17.04 10.68
C ALA A 68 17.95 -15.95 11.60
N ALA A 69 16.92 -16.26 12.37
CA ALA A 69 16.31 -15.25 13.21
C ALA A 69 15.40 -15.97 14.19
N VAL A 70 14.92 -15.22 15.18
CA VAL A 70 13.94 -15.75 16.10
C VAL A 70 12.66 -14.97 15.84
N LEU A 71 11.59 -15.66 15.48
CA LEU A 71 10.32 -14.93 15.30
C LEU A 71 9.47 -15.05 16.53
N LEU A 72 8.81 -13.94 16.91
CA LEU A 72 7.86 -14.00 18.04
C LEU A 72 6.54 -13.65 17.34
N ALA A 73 5.56 -14.54 17.47
CA ALA A 73 4.31 -14.36 16.68
C ALA A 73 3.13 -15.01 17.33
N SER A 74 1.96 -14.40 17.16
CA SER A 74 0.75 -15.02 17.68
C SER A 74 -0.43 -14.38 16.95
N THR A 75 -1.50 -15.15 16.83
CA THR A 75 -2.69 -14.63 16.18
C THR A 75 -3.40 -13.68 17.16
N ASP A 76 -3.26 -13.99 18.45
CA ASP A 76 -3.93 -13.28 19.56
C ASP A 76 -2.97 -12.53 20.47
N TYR A 77 -3.36 -11.38 21.00
CA TYR A 77 -2.51 -10.64 21.96
C TYR A 77 -3.34 -9.62 22.68
N GLU A 78 -2.92 -9.30 23.91
CA GLU A 78 -3.52 -8.22 24.71
C GLU A 78 -2.40 -7.60 25.55
N SER A 79 -2.57 -6.33 25.96
CA SER A 79 -1.57 -5.60 26.72
C SER A 79 -0.20 -5.81 26.05
N PHE A 80 -0.14 -5.63 24.74
CA PHE A 80 1.07 -5.90 23.96
C PHE A 80 2.30 -5.22 24.47
N GLU A 81 2.25 -3.90 24.64
CA GLU A 81 3.46 -3.25 25.03
C GLU A 81 4.02 -3.61 26.37
N SER A 82 3.17 -3.68 27.41
CA SER A 82 3.76 -4.02 28.68
C SER A 82 4.24 -5.45 28.73
N HIS A 83 3.64 -6.31 27.93
CA HIS A 83 4.13 -7.70 27.92
C HIS A 83 5.39 -7.87 27.11
N MET A 84 5.36 -7.29 25.91
CA MET A 84 6.42 -7.53 24.92
C MET A 84 7.69 -6.79 25.07
N GLU A 85 7.66 -5.59 25.67
CA GLU A 85 8.94 -4.89 25.80
C GLU A 85 9.94 -5.75 26.61
N PRO A 86 9.54 -6.23 27.81
CA PRO A 86 10.51 -7.04 28.56
C PRO A 86 10.73 -8.40 27.96
N TYR A 87 9.71 -8.95 27.25
CA TYR A 87 9.88 -10.28 26.67
C TYR A 87 10.92 -10.19 25.58
N VAL A 88 10.76 -9.20 24.71
CA VAL A 88 11.75 -9.03 23.66
C VAL A 88 13.14 -8.82 24.26
N ALA A 89 13.20 -8.04 25.34
CA ALA A 89 14.55 -7.79 25.91
C ALA A 89 15.19 -9.04 26.44
N ALA A 90 14.39 -9.90 27.07
CA ALA A 90 14.92 -11.15 27.63
C ALA A 90 15.40 -12.04 26.51
N VAL A 91 14.63 -12.09 25.42
CA VAL A 91 15.09 -12.94 24.31
C VAL A 91 16.33 -12.37 23.66
N LYS A 92 16.38 -11.05 23.46
CA LYS A 92 17.56 -10.43 22.82
C LYS A 92 18.83 -10.65 23.69
N ALA A 93 18.66 -10.67 25.01
CA ALA A 93 19.84 -10.92 25.88
C ALA A 93 20.36 -12.33 25.74
N ALA A 94 19.56 -13.24 25.18
CA ALA A 94 19.96 -14.64 25.11
C ALA A 94 20.42 -15.15 23.77
N THR A 95 20.32 -14.31 22.76
CA THR A 95 20.76 -14.70 21.42
C THR A 95 21.21 -13.50 20.59
N PRO A 96 22.13 -13.70 19.63
CA PRO A 96 22.61 -12.63 18.75
C PRO A 96 21.71 -12.59 17.50
N LEU A 97 20.82 -13.58 17.36
CA LEU A 97 19.91 -13.64 16.22
C LEU A 97 18.91 -12.49 16.29
N PRO A 98 18.56 -11.92 15.14
CA PRO A 98 17.57 -10.83 15.18
C PRO A 98 16.23 -11.37 15.64
N VAL A 99 15.49 -10.52 16.34
CA VAL A 99 14.21 -10.86 16.85
C VAL A 99 13.19 -10.12 15.97
N VAL A 100 12.28 -10.88 15.38
CA VAL A 100 11.34 -10.31 14.45
C VAL A 100 9.97 -10.56 14.98
N LEU A 101 9.12 -9.53 15.02
CA LEU A 101 7.74 -9.69 15.50
C LEU A 101 6.76 -9.92 14.35
N HIS A 102 5.76 -10.79 14.57
CA HIS A 102 4.71 -11.00 13.50
C HIS A 102 3.36 -11.22 14.18
N PHE A 103 2.51 -10.17 14.09
CA PHE A 103 1.18 -10.19 14.69
C PHE A 103 0.21 -9.47 13.74
N PRO A 104 -1.06 -9.79 13.82
CA PRO A 104 -2.06 -9.11 12.97
C PRO A 104 -2.31 -7.68 13.51
N PRO A 105 -2.75 -6.81 12.64
CA PRO A 105 -3.06 -5.42 13.03
C PRO A 105 -4.48 -5.34 13.58
N ARG A 106 -4.79 -4.22 14.24
CA ARG A 106 -6.15 -3.99 14.73
C ARG A 106 -6.57 -2.58 14.34
N PRO A 107 -7.72 -2.43 13.70
CA PRO A 107 -8.18 -1.09 13.30
C PRO A 107 -8.19 -0.17 14.52
N GLY A 108 -7.65 1.03 14.31
CA GLY A 108 -7.56 2.04 15.35
C GLY A 108 -6.16 2.07 15.94
N ALA A 109 -5.38 1.01 15.68
CA ALA A 109 -4.04 0.94 16.23
C ALA A 109 -2.97 0.54 15.20
N GLY A 110 -3.35 -0.21 14.18
CA GLY A 110 -2.34 -0.68 13.23
C GLY A 110 -1.63 -1.93 13.79
N PHE A 111 -0.39 -2.15 13.37
CA PHE A 111 0.36 -3.28 13.88
C PHE A 111 0.92 -2.94 15.25
N PRO A 112 1.08 -3.94 16.12
CA PRO A 112 1.62 -3.68 17.46
C PRO A 112 3.14 -3.60 17.32
N VAL A 113 3.76 -2.79 18.18
CA VAL A 113 5.19 -2.59 18.10
C VAL A 113 5.76 -2.27 19.50
N VAL A 114 6.99 -2.74 19.74
CA VAL A 114 7.72 -2.37 20.95
C VAL A 114 9.17 -2.08 20.61
N ARG A 115 9.78 -1.21 21.40
CA ARG A 115 11.18 -0.93 21.14
C ARG A 115 12.00 -2.19 21.51
N GLY A 116 13.15 -2.37 20.87
CA GLY A 116 13.97 -3.52 21.16
C GLY A 116 13.86 -4.56 20.05
N ALA A 117 12.71 -4.64 19.38
CA ALA A 117 12.58 -5.62 18.29
C ALA A 117 13.46 -5.19 17.15
N ASP A 118 14.09 -6.15 16.48
CA ASP A 118 14.92 -5.78 15.34
C ASP A 118 14.05 -5.44 14.13
N ALA A 119 12.95 -6.16 13.99
CA ALA A 119 12.05 -5.90 12.85
C ALA A 119 10.65 -6.36 13.13
N LEU A 120 9.68 -5.80 12.37
CA LEU A 120 8.27 -6.25 12.42
C LEU A 120 8.01 -6.80 11.02
N LEU A 121 7.38 -7.97 10.95
CA LEU A 121 7.00 -8.48 9.68
C LEU A 121 5.59 -7.88 9.48
N LEU A 122 5.36 -7.17 8.38
CA LEU A 122 4.05 -6.54 8.14
C LEU A 122 3.33 -7.35 7.07
N PRO A 123 2.32 -8.15 7.45
CA PRO A 123 1.57 -8.95 6.46
C PRO A 123 0.46 -8.19 5.73
N ALA A 124 0.55 -8.10 4.40
CA ALA A 124 -0.51 -7.53 3.57
C ALA A 124 -1.29 -8.82 3.18
N LEU A 125 -2.51 -8.95 3.68
CA LEU A 125 -3.30 -10.19 3.47
C LEU A 125 -4.09 -9.99 2.19
N LEU A 126 -3.42 -10.32 1.08
CA LEU A 126 -3.98 -9.98 -0.22
C LEU A 126 -5.21 -10.76 -0.57
N GLY A 127 -5.42 -11.85 0.16
CA GLY A 127 -6.64 -12.63 -0.07
C GLY A 127 -7.79 -12.29 0.87
N SER A 128 -7.67 -11.22 1.65
CA SER A 128 -8.75 -10.86 2.56
C SER A 128 -9.84 -10.03 1.85
N GLY A 129 -11.08 -10.24 2.30
CA GLY A 129 -12.16 -9.46 1.74
C GLY A 129 -12.30 -8.12 2.44
N ASP A 130 -11.39 -7.79 3.39
CA ASP A 130 -11.44 -6.56 4.16
C ASP A 130 -10.22 -5.75 3.74
N ASP A 131 -10.44 -4.61 3.08
CA ASP A 131 -9.27 -3.86 2.64
C ASP A 131 -8.36 -3.35 3.75
N TYR A 132 -8.83 -3.34 4.99
CA TYR A 132 -7.96 -2.91 6.08
C TYR A 132 -6.86 -3.98 6.23
N PHE A 133 -7.23 -5.26 6.12
CA PHE A 133 -6.23 -6.31 6.24
C PHE A 133 -5.44 -6.53 4.96
N VAL A 134 -6.04 -6.16 3.82
CA VAL A 134 -5.27 -6.25 2.58
C VAL A 134 -4.06 -5.34 2.68
N TRP A 135 -4.28 -4.07 3.09
CA TRP A 135 -3.13 -3.16 3.20
C TRP A 135 -3.37 -1.87 3.97
N LYS A 136 -4.61 -1.50 4.29
CA LYS A 136 -4.73 -0.19 4.95
C LYS A 136 -4.15 -0.15 6.34
N SER A 137 -3.96 -1.34 6.94
CA SER A 137 -3.28 -1.46 8.20
C SER A 137 -1.87 -0.84 8.08
N PHE A 138 -1.28 -0.91 6.90
CA PHE A 138 0.05 -0.35 6.70
C PHE A 138 -0.03 1.17 6.82
N LEU A 139 -1.05 1.75 6.19
CA LEU A 139 -1.22 3.21 6.24
C LEU A 139 -1.46 3.66 7.70
N GLU A 140 -2.26 2.92 8.47
CA GLU A 140 -2.52 3.30 9.84
C GLU A 140 -1.24 3.18 10.68
N THR A 141 -0.48 2.13 10.45
CA THR A 141 0.76 1.93 11.20
C THR A 141 1.79 3.02 10.93
N LEU A 142 1.99 3.33 9.67
CA LEU A 142 2.97 4.37 9.32
C LEU A 142 2.49 5.76 9.75
N ALA A 143 1.18 6.01 9.70
CA ALA A 143 0.67 7.31 10.16
C ALA A 143 1.04 7.48 11.64
N ALA A 144 0.85 6.39 12.39
CA ALA A 144 1.13 6.43 13.81
C ALA A 144 2.59 6.53 14.14
N PHE A 145 3.47 6.13 13.24
CA PHE A 145 4.90 6.25 13.48
C PHE A 145 5.25 7.73 13.63
N PRO A 146 6.16 8.09 14.54
CA PRO A 146 6.94 7.23 15.45
C PRO A 146 6.27 6.98 16.78
N GLY A 147 5.22 7.74 17.07
CA GLY A 147 4.45 7.50 18.28
C GLY A 147 5.26 7.54 19.56
N ARG A 148 5.02 6.57 20.45
CA ARG A 148 5.70 6.45 21.74
C ARG A 148 7.19 6.02 21.74
N ILE A 149 7.75 5.66 20.56
CA ILE A 149 9.14 5.17 20.41
C ILE A 149 10.07 6.10 19.61
N PRO A 150 11.27 6.43 20.13
CA PRO A 150 12.14 7.32 19.34
C PRO A 150 12.41 6.75 17.93
N ARG A 151 12.35 7.62 16.92
CA ARG A 151 12.59 7.21 15.53
C ARG A 151 13.78 6.27 15.37
N GLU A 152 14.88 6.63 16.00
CA GLU A 152 16.13 5.87 15.93
C GLU A 152 16.10 4.47 16.54
N GLU A 153 15.15 4.24 17.45
CA GLU A 153 14.93 2.95 18.14
C GLU A 153 13.81 2.10 17.47
N TRP A 154 13.27 2.57 16.37
CA TRP A 154 12.20 1.77 15.77
C TRP A 154 12.75 0.55 15.05
N PRO A 155 11.97 -0.53 15.06
CA PRO A 155 12.39 -1.74 14.32
C PRO A 155 12.29 -1.43 12.83
N GLU A 156 12.92 -2.27 12.01
CA GLU A 156 12.82 -2.21 10.56
C GLU A 156 11.48 -2.88 10.18
N LEU A 157 10.97 -2.61 8.99
CA LEU A 157 9.65 -3.21 8.59
C LEU A 157 9.88 -4.09 7.39
N LEU A 158 9.43 -5.35 7.50
CA LEU A 158 9.58 -6.29 6.37
C LEU A 158 8.23 -6.36 5.70
N LEU A 159 8.13 -5.79 4.50
CA LEU A 159 6.83 -5.70 3.80
C LEU A 159 6.56 -7.08 3.18
N THR A 160 5.46 -7.69 3.61
CA THR A 160 5.24 -9.09 3.23
C THR A 160 3.87 -9.34 2.68
N VAL A 161 3.82 -10.14 1.62
CA VAL A 161 2.52 -10.60 1.09
C VAL A 161 2.20 -11.85 1.92
N ALA A 162 1.05 -11.88 2.58
CA ALA A 162 0.69 -13.00 3.47
C ALA A 162 -0.54 -13.68 2.89
N LEU A 163 -0.45 -15.00 2.73
CA LEU A 163 -1.50 -15.79 2.10
C LEU A 163 -1.85 -17.01 2.96
N THR A 164 -3.12 -17.40 2.96
CA THR A 164 -3.57 -18.50 3.78
C THR A 164 -4.09 -19.63 2.92
N PHE A 165 -3.82 -20.84 3.38
CA PHE A 165 -4.19 -22.06 2.64
C PHE A 165 -5.00 -23.01 3.50
N GLY A 166 -5.96 -23.64 2.85
CA GLY A 166 -6.86 -24.53 3.54
C GLY A 166 -7.97 -23.82 4.30
N GLU A 167 -9.00 -24.62 4.65
CA GLU A 167 -10.11 -24.10 5.40
C GLU A 167 -9.58 -23.52 6.71
N ASP A 168 -10.02 -22.31 7.08
CA ASP A 168 -9.47 -21.63 8.29
C ASP A 168 -10.44 -20.53 8.69
N PRO A 169 -11.53 -20.93 9.37
CA PRO A 169 -12.51 -19.93 9.77
C PRO A 169 -12.03 -19.03 10.85
N ARG A 170 -11.02 -19.47 11.58
CA ARG A 170 -10.47 -18.63 12.64
C ARG A 170 -9.86 -17.38 11.99
N THR A 171 -8.90 -17.55 11.07
CA THR A 171 -8.32 -16.36 10.43
C THR A 171 -9.33 -15.66 9.59
N GLY A 172 -10.25 -16.40 8.99
CA GLY A 172 -11.28 -15.74 8.19
C GLY A 172 -12.13 -14.81 9.06
N ASP A 173 -12.53 -15.29 10.23
CA ASP A 173 -13.37 -14.49 11.10
C ASP A 173 -12.62 -13.27 11.61
N LEU A 174 -11.33 -13.46 11.92
CA LEU A 174 -10.54 -12.34 12.46
C LEU A 174 -10.04 -11.30 11.45
N LEU A 175 -9.57 -11.80 10.30
CA LEU A 175 -8.91 -10.96 9.29
C LEU A 175 -9.54 -10.93 7.93
N GLY A 176 -10.63 -11.69 7.75
CA GLY A 176 -11.36 -11.68 6.48
C GLY A 176 -10.75 -12.50 5.35
N THR A 177 -9.76 -13.28 5.71
CA THR A 177 -9.11 -14.09 4.68
C THR A 177 -10.00 -15.18 4.09
N VAL A 178 -9.77 -15.46 2.80
CA VAL A 178 -10.43 -16.57 2.12
C VAL A 178 -9.25 -17.49 1.70
N PRO A 179 -9.39 -18.81 1.84
CA PRO A 179 -8.26 -19.67 1.41
C PRO A 179 -7.92 -19.42 -0.05
N VAL A 180 -6.63 -19.45 -0.37
CA VAL A 180 -6.21 -19.31 -1.74
C VAL A 180 -6.73 -20.51 -2.54
N SER A 181 -7.26 -20.25 -3.74
CA SER A 181 -7.74 -21.38 -4.57
C SER A 181 -6.62 -21.90 -5.40
N THR A 182 -6.33 -23.20 -5.29
CA THR A 182 -5.28 -23.78 -6.10
C THR A 182 -5.85 -24.70 -7.20
N ALA A 183 -7.12 -24.46 -7.57
CA ALA A 183 -7.75 -25.22 -8.67
C ALA A 183 -7.29 -24.71 -10.03
N SER A 184 -6.56 -23.59 -10.03
CA SER A 184 -5.90 -23.03 -11.20
C SER A 184 -4.77 -22.18 -10.62
N THR A 185 -3.97 -21.57 -11.49
CA THR A 185 -2.93 -20.69 -10.96
C THR A 185 -3.33 -19.26 -11.10
N GLU A 186 -4.59 -18.99 -11.44
CA GLU A 186 -5.01 -17.60 -11.65
C GLU A 186 -4.83 -16.70 -10.42
N GLU A 187 -5.29 -17.20 -9.29
CA GLU A 187 -5.25 -16.37 -8.07
C GLU A 187 -3.81 -16.13 -7.64
N ILE A 188 -2.97 -17.16 -7.54
CA ILE A 188 -1.60 -16.91 -7.13
C ILE A 188 -0.83 -16.11 -8.18
N ASP A 189 -1.19 -16.23 -9.50
CA ASP A 189 -0.46 -15.41 -10.49
C ASP A 189 -0.75 -13.95 -10.27
N ARG A 190 -1.95 -13.64 -9.83
CA ARG A 190 -2.25 -12.23 -9.53
C ARG A 190 -1.44 -11.79 -8.31
N TYR A 191 -1.31 -12.65 -7.30
CA TYR A 191 -0.54 -12.22 -6.14
C TYR A 191 0.92 -12.06 -6.48
N LEU A 192 1.43 -12.90 -7.41
CA LEU A 192 2.83 -12.77 -7.77
C LEU A 192 3.07 -11.48 -8.54
N HIS A 193 2.13 -11.08 -9.41
CA HIS A 193 2.30 -9.82 -10.16
C HIS A 193 2.36 -8.67 -9.11
N VAL A 194 1.51 -8.74 -8.10
CA VAL A 194 1.58 -7.69 -7.06
C VAL A 194 2.88 -7.76 -6.30
N ALA A 195 3.26 -8.95 -5.87
CA ALA A 195 4.49 -9.04 -5.11
C ALA A 195 5.67 -8.45 -5.84
N ARG A 196 5.76 -8.72 -7.15
CA ARG A 196 6.86 -8.18 -7.94
C ARG A 196 6.76 -6.65 -8.18
N ALA A 197 5.62 -6.25 -8.68
CA ALA A 197 5.43 -4.81 -9.02
C ALA A 197 5.51 -3.90 -7.86
N PHE A 198 4.89 -4.35 -6.76
CA PHE A 198 4.92 -3.54 -5.52
C PHE A 198 6.25 -3.65 -4.75
N GLY A 199 7.16 -4.52 -5.21
CA GLY A 199 8.40 -4.58 -4.46
C GLY A 199 8.30 -5.09 -3.07
N PHE A 200 7.41 -6.08 -2.85
CA PHE A 200 7.35 -6.65 -1.50
C PHE A 200 8.70 -7.33 -1.17
N HIS A 201 9.03 -7.33 0.12
CA HIS A 201 10.28 -7.94 0.57
C HIS A 201 10.17 -9.43 0.70
N MET A 202 9.00 -9.93 1.12
CA MET A 202 8.85 -11.34 1.40
C MET A 202 7.43 -11.78 1.07
N VAL A 203 7.27 -13.09 0.99
CA VAL A 203 5.94 -13.69 0.81
C VAL A 203 5.90 -14.72 1.96
N TYR A 204 4.78 -14.78 2.66
CA TYR A 204 4.59 -15.70 3.76
C TYR A 204 3.36 -16.58 3.39
N LEU A 205 3.61 -17.88 3.20
CA LEU A 205 2.56 -18.85 2.86
C LEU A 205 2.28 -19.64 4.13
N TYR A 206 1.05 -19.57 4.60
CA TYR A 206 0.64 -20.17 5.87
C TYR A 206 -0.62 -21.04 5.78
N SER A 207 -0.60 -22.16 6.51
CA SER A 207 -1.83 -22.97 6.62
C SER A 207 -2.07 -23.24 8.13
N ARG A 208 -3.23 -22.82 8.62
CA ARG A 208 -3.52 -23.06 10.05
C ARG A 208 -3.86 -24.50 10.29
N ASN A 209 -4.68 -25.07 9.40
CA ASN A 209 -5.19 -26.44 9.60
C ASN A 209 -4.76 -27.50 8.67
N GLU A 210 -4.00 -27.13 7.64
CA GLU A 210 -3.54 -28.10 6.68
C GLU A 210 -2.07 -27.81 6.39
N HIS A 211 -1.64 -28.15 5.17
CA HIS A 211 -0.29 -27.86 4.79
C HIS A 211 -0.23 -27.08 3.52
N VAL A 212 0.62 -26.06 3.47
CA VAL A 212 0.78 -25.34 2.17
C VAL A 212 1.32 -26.40 1.14
N PRO A 213 0.73 -26.48 -0.06
CA PRO A 213 1.25 -27.49 -0.96
C PRO A 213 2.64 -27.21 -1.46
N PRO A 214 3.51 -28.20 -1.44
CA PRO A 214 4.86 -27.94 -1.95
C PRO A 214 4.84 -27.38 -3.38
N GLU A 215 3.89 -27.84 -4.19
CA GLU A 215 3.74 -27.32 -5.56
C GLU A 215 3.52 -25.81 -5.59
N VAL A 216 2.80 -25.28 -4.60
CA VAL A 216 2.54 -23.85 -4.52
C VAL A 216 3.84 -23.13 -4.14
N VAL A 217 4.62 -23.73 -3.24
CA VAL A 217 5.90 -23.14 -2.85
C VAL A 217 6.77 -23.04 -4.10
N ARG A 218 6.80 -24.11 -4.91
CA ARG A 218 7.57 -24.05 -6.14
C ARG A 218 7.10 -22.95 -7.08
N HIS A 219 5.78 -22.79 -7.23
CA HIS A 219 5.22 -21.80 -8.14
C HIS A 219 5.63 -20.41 -7.67
N PHE A 220 5.59 -20.20 -6.36
CA PHE A 220 6.05 -18.87 -5.88
C PHE A 220 7.55 -18.66 -6.08
N ARG A 221 8.37 -19.68 -5.79
CA ARG A 221 9.81 -19.51 -5.97
C ARG A 221 10.15 -19.16 -7.43
N LYS A 222 9.52 -19.83 -8.39
CA LYS A 222 9.84 -19.59 -9.79
C LYS A 222 9.33 -18.25 -10.28
N GLY A 223 8.32 -17.72 -9.59
CA GLY A 223 7.75 -16.44 -10.01
C GLY A 223 8.28 -15.20 -9.26
N LEU A 224 8.98 -15.39 -8.16
CA LEU A 224 9.47 -14.24 -7.43
C LEU A 224 10.81 -13.78 -7.90
N GLY A 225 11.11 -12.53 -7.57
CA GLY A 225 12.43 -12.00 -7.87
C GLY A 225 13.45 -12.72 -7.00
N PRO A 226 14.72 -12.68 -7.39
CA PRO A 226 15.72 -13.38 -6.57
C PRO A 226 15.95 -12.83 -5.19
N ASP A 227 15.60 -11.55 -4.98
CA ASP A 227 15.79 -10.87 -3.68
C ASP A 227 14.53 -10.94 -2.82
N GLN A 228 13.50 -11.66 -3.25
CA GLN A 228 12.28 -11.75 -2.44
C GLN A 228 12.34 -13.02 -1.62
N VAL A 229 12.11 -12.88 -0.32
CA VAL A 229 12.22 -14.01 0.60
C VAL A 229 10.93 -14.77 0.70
N LEU A 230 11.02 -16.11 0.66
CA LEU A 230 9.81 -16.95 0.69
C LEU A 230 9.77 -17.77 1.99
N PHE A 231 8.78 -17.48 2.82
CA PHE A 231 8.59 -18.20 4.09
C PHE A 231 7.38 -19.12 3.95
N VAL A 232 7.44 -20.33 4.53
CA VAL A 232 6.26 -21.22 4.52
C VAL A 232 6.10 -21.70 5.97
N SER A 233 4.86 -21.74 6.49
CA SER A 233 4.66 -22.30 7.86
C SER A 233 3.28 -22.87 7.98
N GLY A 234 3.11 -23.69 9.01
CA GLY A 234 1.84 -24.28 9.32
C GLY A 234 1.94 -25.78 9.39
N ASN A 235 1.82 -26.29 10.61
CA ASN A 235 1.82 -27.72 10.84
C ASN A 235 3.07 -28.45 10.40
N VAL A 236 4.23 -27.76 10.47
CA VAL A 236 5.49 -28.42 10.17
C VAL A 236 5.91 -29.06 11.50
N ARG A 237 6.02 -30.40 11.48
CA ARG A 237 6.39 -31.09 12.72
C ARG A 237 7.51 -32.10 12.54
N SER A 238 8.10 -32.16 11.37
CA SER A 238 9.20 -33.09 11.09
C SER A 238 10.29 -32.53 10.18
N GLY A 239 11.49 -33.12 10.29
CA GLY A 239 12.60 -32.72 9.44
C GLY A 239 12.29 -32.99 7.98
N ARG A 240 11.56 -34.08 7.70
CA ARG A 240 11.21 -34.41 6.32
C ARG A 240 10.40 -33.30 5.67
N GLN A 241 9.50 -32.71 6.44
CA GLN A 241 8.68 -31.63 5.88
C GLN A 241 9.56 -30.42 5.63
N VAL A 242 10.50 -30.12 6.56
CA VAL A 242 11.34 -28.99 6.32
C VAL A 242 12.14 -29.20 5.05
N THR A 243 12.70 -30.41 4.87
CA THR A 243 13.48 -30.68 3.69
C THR A 243 12.67 -30.54 2.39
N GLU A 244 11.46 -31.08 2.42
CA GLU A 244 10.58 -31.03 1.24
C GLU A 244 10.30 -29.55 0.87
N TYR A 245 10.00 -28.73 1.88
CA TYR A 245 9.78 -27.30 1.54
C TYR A 245 11.03 -26.55 1.08
N LEU A 246 12.20 -26.83 1.67
CA LEU A 246 13.43 -26.20 1.22
C LEU A 246 13.71 -26.64 -0.23
N ASP A 247 13.53 -27.93 -0.49
CA ASP A 247 13.74 -28.43 -1.84
C ASP A 247 12.79 -27.81 -2.84
N SER A 248 11.61 -27.41 -2.36
CA SER A 248 10.63 -26.75 -3.22
C SER A 248 10.88 -25.27 -3.44
N GLY A 249 11.87 -24.71 -2.75
CA GLY A 249 12.18 -23.31 -2.93
C GLY A 249 11.96 -22.36 -1.76
N ALA A 250 11.39 -22.86 -0.67
CA ALA A 250 11.24 -21.98 0.48
C ALA A 250 12.62 -21.56 1.00
N ASP A 251 12.75 -20.28 1.35
CA ASP A 251 13.97 -19.80 1.97
C ASP A 251 13.94 -20.18 3.44
N TYR A 252 12.77 -20.08 4.05
CA TYR A 252 12.62 -20.44 5.46
C TYR A 252 11.34 -21.19 5.74
N VAL A 253 11.45 -22.16 6.66
CA VAL A 253 10.30 -22.98 7.04
C VAL A 253 10.02 -22.73 8.52
N GLY A 254 8.87 -22.12 8.81
CA GLY A 254 8.60 -21.75 10.19
C GLY A 254 7.87 -22.84 10.94
N PHE A 255 8.08 -22.92 12.26
CA PHE A 255 7.32 -23.92 13.04
C PHE A 255 7.24 -23.42 14.46
N ALA A 256 6.02 -23.46 15.00
CA ALA A 256 5.81 -23.03 16.40
C ALA A 256 5.33 -24.20 17.25
N GLY A 257 4.16 -24.70 16.88
CA GLY A 257 3.52 -25.73 17.66
C GLY A 257 4.29 -26.97 18.00
N ALA A 258 5.15 -27.38 17.09
CA ALA A 258 5.91 -28.60 17.39
C ALA A 258 6.70 -28.47 18.71
N LEU A 259 7.09 -27.26 19.11
CA LEU A 259 7.90 -27.10 20.35
C LEU A 259 7.10 -26.65 21.56
N GLU A 260 5.78 -26.60 21.41
CA GLU A 260 4.92 -26.10 22.46
C GLU A 260 4.47 -27.25 23.33
N GLN A 261 5.49 -27.95 23.84
CA GLN A 261 5.27 -29.18 24.66
C GLN A 261 6.51 -29.46 25.50
N PRO A 262 6.37 -30.30 26.53
CA PRO A 262 7.52 -30.59 27.38
C PRO A 262 8.76 -31.13 26.74
N ASP A 263 8.57 -32.01 25.76
CA ASP A 263 9.69 -32.67 25.14
C ASP A 263 10.13 -31.89 23.92
N TRP A 264 10.10 -30.55 24.03
CA TRP A 264 10.48 -29.76 22.85
C TRP A 264 11.93 -29.94 22.40
N ARG A 265 12.85 -30.25 23.32
CA ARG A 265 14.23 -30.42 22.83
C ARG A 265 14.37 -31.59 21.84
N SER A 266 13.67 -32.71 22.08
CA SER A 266 13.73 -33.79 21.09
C SER A 266 13.06 -33.41 19.79
N ALA A 267 11.95 -32.68 19.89
CA ALA A 267 11.23 -32.28 18.67
C ALA A 267 12.08 -31.32 17.81
N LEU A 268 12.81 -30.42 18.47
CA LEU A 268 13.66 -29.46 17.80
C LEU A 268 14.82 -30.20 17.12
N ALA A 269 15.45 -31.14 17.84
CA ALA A 269 16.54 -31.91 17.21
C ALA A 269 16.09 -32.62 15.94
N GLU A 270 14.89 -33.16 15.95
CA GLU A 270 14.42 -33.87 14.78
C GLU A 270 14.14 -32.95 13.60
N ILE A 271 13.51 -31.82 13.88
CA ILE A 271 13.19 -30.88 12.84
C ILE A 271 14.41 -30.22 12.20
N ALA A 272 15.43 -29.92 13.01
CA ALA A 272 16.65 -29.29 12.51
C ALA A 272 17.57 -30.25 11.76
N GLY A 273 17.48 -31.54 12.05
CA GLY A 273 18.33 -32.51 11.36
C GLY A 273 17.63 -33.31 10.26
N ALA B 21 -8.28 12.96 15.71
CA ALA B 21 -7.98 12.25 14.43
C ALA B 21 -8.96 12.54 13.27
N PRO B 22 -8.50 13.22 12.22
CA PRO B 22 -9.34 13.54 11.05
C PRO B 22 -9.33 12.27 10.18
N PRO B 23 -10.20 12.20 9.14
CA PRO B 23 -10.27 11.01 8.26
C PRO B 23 -8.96 10.44 7.67
N LEU B 24 -8.09 11.33 7.22
CA LEU B 24 -6.84 10.97 6.62
C LEU B 24 -7.08 10.03 5.46
N TRP B 25 -6.62 8.77 5.57
CA TRP B 25 -6.76 7.77 4.49
C TRP B 25 -8.16 7.11 4.46
N ARG B 26 -9.01 7.45 5.44
CA ARG B 26 -10.39 6.91 5.50
C ARG B 26 -11.31 7.91 4.75
N PRO B 27 -12.43 7.44 4.21
CA PRO B 27 -13.33 8.37 3.51
C PRO B 27 -13.79 9.53 4.40
N GLY B 28 -13.86 10.72 3.81
CA GLY B 28 -14.33 11.90 4.49
C GLY B 28 -15.29 12.73 3.64
N ARG B 29 -15.31 14.03 3.93
CA ARG B 29 -16.20 14.95 3.25
C ARG B 29 -15.97 15.10 1.75
N VAL B 30 -14.69 15.12 1.33
CA VAL B 30 -14.40 15.33 -0.08
C VAL B 30 -14.80 14.10 -0.88
N LEU B 31 -14.44 12.90 -0.39
CA LEU B 31 -14.80 11.73 -1.18
C LEU B 31 -16.34 11.59 -1.24
N ALA B 32 -17.04 11.88 -0.13
CA ALA B 32 -18.48 11.78 -0.13
C ALA B 32 -18.98 12.75 -1.20
N ARG B 33 -18.44 13.96 -1.24
CA ARG B 33 -18.93 14.89 -2.28
C ARG B 33 -18.69 14.36 -3.66
N LEU B 34 -17.48 13.86 -3.92
CA LEU B 34 -17.23 13.32 -5.25
C LEU B 34 -18.13 12.12 -5.60
N ARG B 35 -18.45 11.29 -4.61
CA ARG B 35 -19.31 10.13 -4.85
C ARG B 35 -20.76 10.53 -5.11
N GLU B 36 -21.22 11.59 -4.47
CA GLU B 36 -22.63 11.99 -4.58
C GLU B 36 -22.97 13.16 -5.51
N HIS B 37 -21.96 13.92 -5.90
CA HIS B 37 -22.21 15.05 -6.83
C HIS B 37 -22.56 14.55 -8.24
N GLN B 38 -23.22 15.41 -9.01
CA GLN B 38 -23.56 15.04 -10.42
C GLN B 38 -22.23 14.87 -11.17
N PRO B 39 -22.13 13.89 -12.08
CA PRO B 39 -20.87 13.72 -12.84
C PRO B 39 -20.71 14.96 -13.72
N GLY B 40 -19.48 15.31 -14.10
CA GLY B 40 -19.31 16.47 -14.93
C GLY B 40 -17.86 16.80 -15.11
N PRO B 41 -17.58 17.91 -15.78
CA PRO B 41 -16.20 18.37 -16.02
C PRO B 41 -15.63 18.95 -14.77
N VAL B 42 -14.29 18.93 -14.69
CA VAL B 42 -13.56 19.52 -13.57
C VAL B 42 -12.35 20.20 -14.13
N HIS B 43 -12.22 21.51 -13.84
CA HIS B 43 -11.07 22.23 -14.33
C HIS B 43 -9.92 22.01 -13.36
N ILE B 44 -8.72 21.83 -13.93
CA ILE B 44 -7.50 21.61 -13.15
C ILE B 44 -6.63 22.83 -13.37
N ILE B 45 -6.30 23.53 -12.29
CA ILE B 45 -5.43 24.73 -12.42
C ILE B 45 -3.99 24.26 -12.08
N ASP B 46 -3.03 24.51 -12.98
CA ASP B 46 -1.61 24.18 -12.69
C ASP B 46 -1.08 25.41 -11.92
N PRO B 47 -0.90 25.32 -10.59
CA PRO B 47 -0.46 26.49 -9.82
C PRO B 47 0.87 27.00 -10.05
N PHE B 48 1.69 26.20 -10.70
CA PHE B 48 3.08 26.64 -10.96
C PHE B 48 3.18 27.29 -12.30
N LYS B 49 2.12 27.19 -13.09
CA LYS B 49 2.09 27.87 -14.39
C LYS B 49 1.14 29.07 -14.34
N VAL B 50 -0.02 28.88 -13.72
CA VAL B 50 -1.06 29.93 -13.71
C VAL B 50 -0.83 30.91 -12.58
N PRO B 51 -0.72 32.20 -12.89
CA PRO B 51 -0.51 33.14 -11.77
C PRO B 51 -1.69 33.09 -10.84
N VAL B 52 -1.45 33.32 -9.55
CA VAL B 52 -2.49 33.24 -8.58
C VAL B 52 -3.67 34.19 -8.86
N THR B 53 -3.40 35.37 -9.42
CA THR B 53 -4.54 36.29 -9.68
C THR B 53 -5.49 35.69 -10.73
N GLU B 54 -4.90 34.96 -11.67
CA GLU B 54 -5.72 34.31 -12.71
C GLU B 54 -6.46 33.10 -12.10
N ALA B 55 -5.83 32.38 -11.19
CA ALA B 55 -6.49 31.25 -10.53
C ALA B 55 -7.71 31.73 -9.78
N VAL B 56 -7.56 32.88 -9.15
CA VAL B 56 -8.66 33.45 -8.36
C VAL B 56 -9.82 33.85 -9.30
N GLU B 57 -9.51 34.42 -10.46
CA GLU B 57 -10.56 34.76 -11.40
C GLU B 57 -11.27 33.51 -11.86
N LYS B 58 -10.47 32.50 -12.17
CA LYS B 58 -11.07 31.23 -12.63
C LYS B 58 -11.94 30.60 -11.59
N ALA B 59 -11.47 30.61 -10.35
CA ALA B 59 -12.20 30.01 -9.24
C ALA B 59 -13.61 30.55 -9.10
N ALA B 60 -13.77 31.85 -9.35
CA ALA B 60 -15.10 32.44 -9.28
C ALA B 60 -15.98 31.88 -10.38
N GLU B 61 -15.44 31.65 -11.59
CA GLU B 61 -16.25 31.12 -12.65
C GLU B 61 -16.58 29.66 -12.35
N LEU B 62 -15.64 28.90 -11.81
CA LEU B 62 -15.90 27.47 -11.57
C LEU B 62 -17.04 27.29 -10.57
N THR B 63 -17.11 28.21 -9.62
CA THR B 63 -18.16 28.18 -8.61
C THR B 63 -19.52 28.33 -9.28
N ARG B 64 -19.63 29.33 -10.14
CA ARG B 64 -20.88 29.57 -10.86
C ARG B 64 -21.31 28.40 -11.73
N LEU B 65 -20.34 27.67 -12.32
CA LEU B 65 -20.63 26.54 -13.22
C LEU B 65 -21.00 25.28 -12.47
N GLY B 66 -20.78 25.25 -11.17
CA GLY B 66 -21.20 24.08 -10.43
C GLY B 66 -20.30 22.86 -10.54
N PHE B 67 -19.02 23.08 -10.81
CA PHE B 67 -18.13 21.91 -10.82
C PHE B 67 -17.97 21.35 -9.39
N ALA B 68 -17.64 20.06 -9.29
CA ALA B 68 -17.56 19.41 -8.01
C ALA B 68 -16.44 19.87 -7.12
N ALA B 69 -15.33 20.27 -7.72
CA ALA B 69 -14.15 20.66 -6.92
C ALA B 69 -13.23 21.44 -7.83
N VAL B 70 -12.22 22.03 -7.21
CA VAL B 70 -11.17 22.72 -7.97
C VAL B 70 -9.90 21.91 -7.72
N LEU B 71 -9.29 21.35 -8.77
CA LEU B 71 -8.05 20.60 -8.60
C LEU B 71 -6.90 21.50 -8.90
N LEU B 72 -5.83 21.42 -8.10
CA LEU B 72 -4.60 22.18 -8.40
C LEU B 72 -3.62 21.00 -8.62
N ALA B 73 -2.95 21.01 -9.77
CA ALA B 73 -2.10 19.88 -10.14
C ALA B 73 -1.02 20.24 -11.10
N SER B 74 0.12 19.57 -10.96
CA SER B 74 1.20 19.80 -11.90
C SER B 74 2.12 18.59 -11.83
N THR B 75 2.84 18.34 -12.91
CA THR B 75 3.81 17.24 -12.94
C THR B 75 5.09 17.70 -12.20
N ASP B 76 5.36 19.00 -12.32
CA ASP B 76 6.58 19.59 -11.71
C ASP B 76 6.26 20.61 -10.63
N TYR B 77 7.16 20.76 -9.66
CA TYR B 77 6.95 21.75 -8.62
C TYR B 77 8.25 21.96 -7.87
N GLU B 78 8.41 23.14 -7.32
CA GLU B 78 9.60 23.48 -6.47
C GLU B 78 9.09 24.45 -5.43
N SER B 79 9.75 24.51 -4.26
CA SER B 79 9.34 25.39 -3.14
C SER B 79 7.85 25.23 -2.93
N PHE B 80 7.41 23.96 -2.84
CA PHE B 80 5.99 23.71 -2.76
C PHE B 80 5.29 24.39 -1.65
N GLU B 81 5.82 24.27 -0.42
CA GLU B 81 5.05 24.82 0.67
C GLU B 81 4.87 26.32 0.69
N SER B 82 5.94 27.03 0.35
CA SER B 82 5.82 28.49 0.43
C SER B 82 4.91 29.01 -0.65
N HIS B 83 4.92 28.34 -1.80
CA HIS B 83 4.05 28.78 -2.91
C HIS B 83 2.61 28.38 -2.70
N MET B 84 2.43 27.11 -2.33
CA MET B 84 1.08 26.56 -2.26
C MET B 84 0.22 26.90 -1.07
N GLU B 85 0.81 27.14 0.11
CA GLU B 85 -0.06 27.47 1.21
C GLU B 85 -0.88 28.72 0.90
N PRO B 86 -0.22 29.82 0.47
CA PRO B 86 -1.02 31.02 0.17
C PRO B 86 -1.79 30.90 -1.13
N TYR B 87 -1.33 30.06 -2.07
CA TYR B 87 -2.06 29.89 -3.37
C TYR B 87 -3.37 29.20 -3.03
N VAL B 88 -3.31 28.12 -2.25
CA VAL B 88 -4.55 27.46 -1.83
C VAL B 88 -5.45 28.42 -1.05
N ALA B 89 -4.85 29.24 -0.17
CA ALA B 89 -5.71 30.17 0.57
C ALA B 89 -6.40 31.19 -0.32
N ALA B 90 -5.71 31.67 -1.35
CA ALA B 90 -6.32 32.65 -2.21
C ALA B 90 -7.43 32.02 -3.01
N VAL B 91 -7.25 30.76 -3.42
CA VAL B 91 -8.31 30.10 -4.17
C VAL B 91 -9.52 29.84 -3.28
N LYS B 92 -9.26 29.39 -2.06
CA LYS B 92 -10.33 29.06 -1.13
C LYS B 92 -11.11 30.31 -0.74
N ALA B 93 -10.48 31.48 -0.79
CA ALA B 93 -11.20 32.70 -0.44
C ALA B 93 -12.14 33.07 -1.57
N ALA B 94 -11.89 32.53 -2.78
CA ALA B 94 -12.71 32.84 -3.96
C ALA B 94 -13.79 31.81 -4.34
N THR B 95 -13.82 30.67 -3.66
CA THR B 95 -14.81 29.62 -3.97
C THR B 95 -15.08 28.75 -2.81
N PRO B 96 -16.33 28.30 -2.65
CA PRO B 96 -16.65 27.42 -1.54
C PRO B 96 -16.38 25.96 -1.91
N LEU B 97 -15.99 25.71 -3.17
CA LEU B 97 -15.77 24.35 -3.61
C LEU B 97 -14.50 23.77 -3.00
N PRO B 98 -14.43 22.45 -2.72
CA PRO B 98 -13.22 21.85 -2.13
C PRO B 98 -12.06 21.99 -3.08
N VAL B 99 -10.89 22.21 -2.51
CA VAL B 99 -9.66 22.36 -3.28
C VAL B 99 -8.87 21.09 -3.01
N VAL B 100 -8.55 20.43 -4.09
CA VAL B 100 -7.87 19.13 -4.01
C VAL B 100 -6.54 19.21 -4.73
N LEU B 101 -5.46 18.73 -4.09
CA LEU B 101 -4.14 18.78 -4.70
C LEU B 101 -3.78 17.47 -5.37
N HIS B 102 -3.07 17.53 -6.51
CA HIS B 102 -2.63 16.28 -7.19
C HIS B 102 -1.27 16.51 -7.78
N PHE B 103 -0.26 15.95 -7.10
CA PHE B 103 1.14 16.08 -7.51
C PHE B 103 1.87 14.76 -7.29
N PRO B 104 2.91 14.50 -8.03
CA PRO B 104 3.65 13.23 -7.82
C PRO B 104 4.50 13.37 -6.58
N PRO B 105 4.88 12.25 -6.02
CA PRO B 105 5.72 12.23 -4.83
C PRO B 105 7.17 12.29 -5.21
N ARG B 106 8.02 12.59 -4.23
CA ARG B 106 9.46 12.58 -4.45
C ARG B 106 10.16 11.82 -3.34
N PRO B 107 11.00 10.86 -3.70
CA PRO B 107 11.74 10.06 -2.73
C PRO B 107 12.46 10.94 -1.72
N GLY B 108 12.28 10.61 -0.45
CA GLY B 108 12.84 11.36 0.65
C GLY B 108 11.82 12.32 1.26
N ALA B 109 10.72 12.59 0.54
CA ALA B 109 9.73 13.49 1.06
C ALA B 109 8.34 12.90 1.02
N GLY B 110 8.07 12.11 -0.01
CA GLY B 110 6.72 11.60 -0.19
C GLY B 110 5.91 12.61 -0.97
N PHE B 111 4.59 12.62 -0.76
CA PHE B 111 3.73 13.58 -1.49
C PHE B 111 3.82 14.95 -0.82
N PRO B 112 3.73 16.01 -1.64
CA PRO B 112 3.80 17.36 -1.04
C PRO B 112 2.45 17.67 -0.43
N VAL B 113 2.46 18.48 0.64
CA VAL B 113 1.20 18.83 1.30
C VAL B 113 1.28 20.22 1.95
N VAL B 114 0.14 20.91 1.93
CA VAL B 114 0.03 22.18 2.68
C VAL B 114 -1.28 22.19 3.44
N ARG B 115 -1.29 22.89 4.59
CA ARG B 115 -2.52 22.98 5.35
C ARG B 115 -3.45 23.88 4.52
N GLY B 116 -4.75 23.67 4.68
CA GLY B 116 -5.70 24.46 3.96
C GLY B 116 -6.28 23.70 2.78
N ALA B 117 -5.53 22.78 2.19
CA ALA B 117 -6.11 22.01 1.08
C ALA B 117 -7.18 21.08 1.69
N ASP B 118 -8.29 20.91 1.00
CA ASP B 118 -9.32 20.04 1.52
C ASP B 118 -8.93 18.57 1.40
N ALA B 119 -8.23 18.24 0.32
CA ALA B 119 -7.79 16.84 0.16
C ALA B 119 -6.60 16.76 -0.75
N LEU B 120 -5.89 15.64 -0.65
CA LEU B 120 -4.78 15.35 -1.57
C LEU B 120 -5.20 14.10 -2.34
N LEU B 121 -5.03 14.09 -3.66
CA LEU B 121 -5.28 12.88 -4.40
C LEU B 121 -3.92 12.15 -4.31
N LEU B 122 -3.90 10.90 -3.85
CA LEU B 122 -2.63 10.16 -3.76
C LEU B 122 -2.62 9.10 -4.87
N PRO B 123 -1.86 9.34 -5.93
CA PRO B 123 -1.80 8.40 -7.07
C PRO B 123 -0.85 7.22 -6.81
N ALA B 124 -1.39 5.98 -6.84
CA ALA B 124 -0.56 4.76 -6.77
C ALA B 124 -0.41 4.41 -8.28
N LEU B 125 0.79 4.55 -8.82
CA LEU B 125 1.03 4.40 -10.26
C LEU B 125 1.29 2.93 -10.52
N LEU B 126 0.20 2.19 -10.66
CA LEU B 126 0.33 0.74 -10.74
C LEU B 126 1.05 0.21 -11.95
N GLY B 127 1.14 1.05 -12.99
CA GLY B 127 1.85 0.72 -14.20
C GLY B 127 3.32 1.14 -14.18
N SER B 128 3.82 1.64 -13.05
CA SER B 128 5.21 2.03 -12.97
C SER B 128 6.15 0.87 -12.69
N GLY B 129 7.34 0.97 -13.27
CA GLY B 129 8.35 -0.05 -13.03
C GLY B 129 9.16 0.25 -11.78
N ASP B 130 8.79 1.31 -11.06
CA ASP B 130 9.51 1.71 -9.86
C ASP B 130 8.54 1.54 -8.70
N ASP B 131 8.81 0.58 -7.80
CA ASP B 131 7.90 0.37 -6.66
C ASP B 131 7.66 1.59 -5.76
N TYR B 132 8.54 2.59 -5.78
CA TYR B 132 8.29 3.81 -5.00
C TYR B 132 7.06 4.53 -5.58
N PHE B 133 6.96 4.61 -6.90
CA PHE B 133 5.79 5.25 -7.49
C PHE B 133 4.56 4.33 -7.54
N VAL B 134 4.76 3.01 -7.52
CA VAL B 134 3.60 2.11 -7.46
C VAL B 134 2.90 2.35 -6.13
N TRP B 135 3.64 2.41 -5.02
CA TRP B 135 2.98 2.65 -3.72
C TRP B 135 3.87 3.00 -2.55
N LYS B 136 5.19 2.80 -2.62
CA LYS B 136 5.93 3.09 -1.40
C LYS B 136 5.93 4.58 -1.00
N SER B 137 5.71 5.45 -1.97
CA SER B 137 5.48 6.87 -1.68
C SER B 137 4.39 7.02 -0.60
N PHE B 138 3.38 6.13 -0.60
CA PHE B 138 2.33 6.22 0.40
C PHE B 138 2.92 5.98 1.79
N LEU B 139 3.84 5.00 1.88
CA LEU B 139 4.44 4.65 3.15
C LEU B 139 5.32 5.81 3.68
N GLU B 140 6.05 6.44 2.77
CA GLU B 140 6.93 7.55 3.18
C GLU B 140 6.07 8.74 3.62
N THR B 141 4.96 9.00 2.88
CA THR B 141 4.07 10.10 3.25
C THR B 141 3.46 9.91 4.60
N LEU B 142 2.94 8.71 4.84
CA LEU B 142 2.29 8.49 6.14
C LEU B 142 3.29 8.41 7.29
N ALA B 143 4.51 7.92 7.02
CA ALA B 143 5.54 7.87 8.06
C ALA B 143 5.77 9.34 8.53
N ALA B 144 5.90 10.24 7.57
CA ALA B 144 6.15 11.64 7.88
C ALA B 144 4.97 12.34 8.51
N PHE B 145 3.77 11.87 8.27
CA PHE B 145 2.58 12.45 8.88
C PHE B 145 2.68 12.36 10.43
N PRO B 146 2.24 13.38 11.14
CA PRO B 146 1.63 14.66 10.68
C PRO B 146 2.60 15.77 10.38
N GLY B 147 3.87 15.61 10.77
CA GLY B 147 4.88 16.60 10.44
C GLY B 147 4.56 17.95 11.03
N ARG B 148 4.75 18.98 10.21
CA ARG B 148 4.52 20.36 10.63
C ARG B 148 3.03 20.79 10.65
N ILE B 149 2.12 19.98 10.10
CA ILE B 149 0.71 20.37 10.11
C ILE B 149 -0.05 19.72 11.24
N PRO B 150 -0.80 20.51 12.02
CA PRO B 150 -1.55 19.89 13.11
C PRO B 150 -2.42 18.77 12.55
N ARG B 151 -2.48 17.67 13.26
CA ARG B 151 -3.27 16.50 12.86
C ARG B 151 -4.68 16.82 12.35
N GLU B 152 -5.40 17.60 13.15
CA GLU B 152 -6.75 17.97 12.86
C GLU B 152 -6.95 18.85 11.63
N GLU B 153 -5.86 19.44 11.15
CA GLU B 153 -5.87 20.37 10.04
C GLU B 153 -5.33 19.72 8.74
N TRP B 154 -5.05 18.44 8.78
CA TRP B 154 -4.52 17.81 7.58
C TRP B 154 -5.65 17.63 6.54
N PRO B 155 -5.27 17.64 5.27
CA PRO B 155 -6.26 17.40 4.22
C PRO B 155 -6.61 15.92 4.30
N GLU B 156 -7.75 15.58 3.70
CA GLU B 156 -8.19 14.15 3.58
C GLU B 156 -7.34 13.57 2.46
N LEU B 157 -7.21 12.24 2.43
CA LEU B 157 -6.38 11.60 1.39
C LEU B 157 -7.29 10.72 0.53
N LEU B 158 -7.27 10.95 -0.78
CA LEU B 158 -8.14 10.15 -1.67
C LEU B 158 -7.21 9.13 -2.31
N LEU B 159 -7.31 7.88 -1.89
CA LEU B 159 -6.37 6.83 -2.41
C LEU B 159 -6.80 6.48 -3.85
N THR B 160 -5.89 6.71 -4.77
CA THR B 160 -6.25 6.59 -6.18
C THR B 160 -5.34 5.70 -6.99
N VAL B 161 -5.92 4.86 -7.87
CA VAL B 161 -5.10 4.07 -8.80
C VAL B 161 -4.88 5.02 -9.99
N ALA B 162 -3.61 5.32 -10.33
CA ALA B 162 -3.30 6.26 -11.41
C ALA B 162 -2.66 5.54 -12.55
N LEU B 163 -3.26 5.67 -13.73
CA LEU B 163 -2.79 4.93 -14.91
C LEU B 163 -2.57 5.86 -16.08
N THR B 164 -1.56 5.56 -16.89
CA THR B 164 -1.21 6.43 -18.01
C THR B 164 -1.39 5.73 -19.33
N PHE B 165 -1.83 6.49 -20.33
CA PHE B 165 -2.13 5.95 -21.65
C PHE B 165 -1.40 6.65 -22.75
N GLY B 166 -0.93 5.86 -23.70
CA GLY B 166 -0.18 6.39 -24.82
C GLY B 166 1.28 6.66 -24.51
N GLU B 167 2.07 6.83 -25.58
CA GLU B 167 3.51 7.09 -25.45
C GLU B 167 3.69 8.36 -24.60
N ASP B 168 4.56 8.29 -23.57
CA ASP B 168 4.71 9.45 -22.69
C ASP B 168 6.05 9.31 -21.97
N PRO B 169 7.12 9.66 -22.69
CA PRO B 169 8.45 9.55 -22.12
C PRO B 169 8.70 10.49 -20.98
N ARG B 170 7.94 11.59 -20.89
CA ARG B 170 8.11 12.55 -19.79
C ARG B 170 7.71 11.89 -18.46
N THR B 171 6.49 11.34 -18.39
CA THR B 171 6.07 10.69 -17.15
C THR B 171 6.87 9.43 -16.94
N GLY B 172 7.24 8.77 -18.04
CA GLY B 172 8.04 7.59 -17.95
C GLY B 172 9.41 7.87 -17.28
N ASP B 173 10.05 8.95 -17.69
CA ASP B 173 11.38 9.32 -17.15
C ASP B 173 11.26 9.77 -15.69
N LEU B 174 10.15 10.42 -15.35
CA LEU B 174 10.04 10.93 -13.97
C LEU B 174 9.52 9.93 -12.98
N LEU B 175 8.52 9.16 -13.41
CA LEU B 175 7.82 8.25 -12.50
C LEU B 175 7.87 6.78 -12.85
N GLY B 176 8.57 6.47 -13.93
CA GLY B 176 8.70 5.06 -14.28
C GLY B 176 7.49 4.39 -14.93
N THR B 177 6.50 5.19 -15.33
CA THR B 177 5.27 4.63 -15.91
C THR B 177 5.50 4.05 -17.30
N VAL B 178 4.76 2.99 -17.60
CA VAL B 178 4.78 2.34 -18.90
C VAL B 178 3.32 2.50 -19.35
N PRO B 179 3.06 2.89 -20.62
CA PRO B 179 1.67 3.03 -21.07
C PRO B 179 0.89 1.71 -20.85
N VAL B 180 -0.35 1.81 -20.37
CA VAL B 180 -1.20 0.63 -20.16
C VAL B 180 -1.55 0.05 -21.53
N SER B 181 -1.40 -1.27 -21.64
CA SER B 181 -1.73 -1.91 -22.89
C SER B 181 -3.24 -1.90 -23.12
N THR B 182 -3.65 -1.48 -24.31
CA THR B 182 -5.08 -1.57 -24.62
C THR B 182 -5.29 -2.65 -25.73
N ALA B 183 -4.25 -3.46 -25.96
CA ALA B 183 -4.31 -4.56 -26.98
C ALA B 183 -5.23 -5.69 -26.50
N SER B 184 -5.46 -5.76 -25.20
CA SER B 184 -6.36 -6.74 -24.59
C SER B 184 -6.76 -6.20 -23.24
N THR B 185 -7.55 -6.96 -22.49
CA THR B 185 -7.93 -6.51 -21.18
C THR B 185 -7.08 -7.12 -20.07
N GLU B 186 -6.03 -7.85 -20.43
CA GLU B 186 -5.20 -8.53 -19.43
C GLU B 186 -4.61 -7.63 -18.35
N GLU B 187 -3.97 -6.56 -18.79
CA GLU B 187 -3.37 -5.66 -17.83
C GLU B 187 -4.43 -4.86 -17.05
N ILE B 188 -5.34 -4.26 -17.77
CA ILE B 188 -6.40 -3.47 -17.14
C ILE B 188 -7.16 -4.33 -16.11
N ASP B 189 -7.43 -5.60 -16.44
CA ASP B 189 -8.15 -6.43 -15.46
C ASP B 189 -7.35 -6.65 -14.16
N ARG B 190 -6.04 -6.74 -14.25
CA ARG B 190 -5.24 -6.86 -13.02
C ARG B 190 -5.38 -5.58 -12.22
N TYR B 191 -5.36 -4.44 -12.90
CA TYR B 191 -5.52 -3.18 -12.15
C TYR B 191 -6.90 -3.07 -11.54
N LEU B 192 -7.95 -3.61 -12.21
CA LEU B 192 -9.29 -3.52 -11.62
C LEU B 192 -9.37 -4.41 -10.41
N HIS B 193 -8.69 -5.56 -10.46
CA HIS B 193 -8.80 -6.46 -9.32
C HIS B 193 -8.13 -5.81 -8.09
N VAL B 194 -6.99 -5.18 -8.32
CA VAL B 194 -6.31 -4.47 -7.23
C VAL B 194 -7.19 -3.31 -6.76
N ALA B 195 -7.73 -2.55 -7.69
CA ALA B 195 -8.53 -1.41 -7.26
C ALA B 195 -9.67 -1.81 -6.36
N ARG B 196 -10.31 -2.94 -6.67
CA ARG B 196 -11.42 -3.40 -5.87
C ARG B 196 -10.96 -4.01 -4.52
N ALA B 197 -10.01 -4.94 -4.58
CA ALA B 197 -9.58 -5.65 -3.36
C ALA B 197 -8.91 -4.74 -2.38
N PHE B 198 -8.18 -3.78 -2.91
CA PHE B 198 -7.46 -2.83 -2.04
C PHE B 198 -8.37 -1.67 -1.56
N GLY B 199 -9.60 -1.61 -2.08
CA GLY B 199 -10.45 -0.55 -1.61
C GLY B 199 -9.99 0.84 -2.00
N PHE B 200 -9.44 0.99 -3.18
CA PHE B 200 -9.09 2.35 -3.61
C PHE B 200 -10.36 3.21 -3.73
N HIS B 201 -10.18 4.50 -3.50
CA HIS B 201 -11.31 5.39 -3.56
C HIS B 201 -11.62 5.82 -4.98
N MET B 202 -10.57 5.98 -5.79
CA MET B 202 -10.73 6.51 -7.13
C MET B 202 -9.76 5.86 -8.10
N VAL B 203 -10.09 5.98 -9.37
CA VAL B 203 -9.17 5.54 -10.44
C VAL B 203 -9.06 6.80 -11.31
N TYR B 204 -7.83 7.13 -11.73
CA TYR B 204 -7.56 8.28 -12.56
C TYR B 204 -6.89 7.78 -13.82
N LEU B 205 -7.55 7.96 -14.98
CA LEU B 205 -6.99 7.54 -16.24
C LEU B 205 -6.49 8.79 -16.94
N TYR B 206 -5.20 8.82 -17.30
CA TYR B 206 -4.64 10.04 -17.90
C TYR B 206 -3.85 9.75 -19.15
N SER B 207 -3.92 10.66 -20.12
CA SER B 207 -3.03 10.53 -21.28
C SER B 207 -2.35 11.91 -21.50
N ARG B 208 -1.03 11.93 -21.47
CA ARG B 208 -0.35 13.23 -21.70
C ARG B 208 -0.40 13.62 -23.16
N ASN B 209 -0.19 12.65 -24.04
CA ASN B 209 -0.05 12.97 -25.47
C ASN B 209 -1.09 12.48 -26.40
N GLU B 210 -2.03 11.69 -25.86
CA GLU B 210 -3.08 11.10 -26.68
C GLU B 210 -4.42 11.26 -25.94
N HIS B 211 -5.36 10.35 -26.22
CA HIS B 211 -6.62 10.40 -25.51
C HIS B 211 -6.85 9.07 -24.84
N VAL B 212 -7.32 9.09 -23.63
CA VAL B 212 -7.69 7.80 -23.01
C VAL B 212 -8.86 7.24 -23.89
N PRO B 213 -8.79 5.98 -24.31
CA PRO B 213 -9.90 5.52 -25.15
C PRO B 213 -11.22 5.41 -24.39
N PRO B 214 -12.35 5.96 -24.93
CA PRO B 214 -13.65 5.89 -24.26
C PRO B 214 -14.00 4.43 -23.91
N GLU B 215 -13.63 3.47 -24.80
CA GLU B 215 -13.93 2.05 -24.55
C GLU B 215 -13.21 1.59 -23.25
N VAL B 216 -12.04 2.17 -22.96
CA VAL B 216 -11.33 1.81 -21.73
C VAL B 216 -12.04 2.40 -20.54
N VAL B 217 -12.56 3.62 -20.69
CA VAL B 217 -13.31 4.25 -19.61
C VAL B 217 -14.53 3.37 -19.30
N ARG B 218 -15.19 2.92 -20.36
CA ARG B 218 -16.32 2.01 -20.13
C ARG B 218 -15.97 0.73 -19.40
N HIS B 219 -14.86 0.11 -19.80
CA HIS B 219 -14.42 -1.12 -19.18
C HIS B 219 -14.16 -0.88 -17.68
N PHE B 220 -13.53 0.26 -17.35
CA PHE B 220 -13.31 0.54 -15.94
C PHE B 220 -14.59 0.77 -15.15
N ARG B 221 -15.51 1.53 -15.74
CA ARG B 221 -16.78 1.80 -15.09
C ARG B 221 -17.50 0.51 -14.79
N LYS B 222 -17.49 -0.43 -15.75
CA LYS B 222 -18.19 -1.71 -15.57
C LYS B 222 -17.50 -2.56 -14.51
N GLY B 223 -16.19 -2.44 -14.41
CA GLY B 223 -15.44 -3.27 -13.46
C GLY B 223 -15.30 -2.70 -12.05
N LEU B 224 -15.50 -1.40 -11.87
CA LEU B 224 -15.34 -0.82 -10.53
C LEU B 224 -16.58 -0.92 -9.63
N GLY B 225 -16.36 -0.79 -8.32
CA GLY B 225 -17.47 -0.77 -7.39
C GLY B 225 -18.25 0.52 -7.58
N PRO B 226 -19.51 0.52 -7.17
CA PRO B 226 -20.38 1.70 -7.29
C PRO B 226 -19.88 2.94 -6.63
N ASP B 227 -19.13 2.79 -5.54
CA ASP B 227 -18.63 3.94 -4.81
C ASP B 227 -17.20 4.28 -5.20
N GLN B 228 -16.66 3.69 -6.26
CA GLN B 228 -15.29 4.07 -6.66
C GLN B 228 -15.43 5.12 -7.75
N VAL B 229 -14.75 6.27 -7.58
CA VAL B 229 -14.89 7.38 -8.49
C VAL B 229 -13.95 7.27 -9.66
N LEU B 230 -14.45 7.56 -10.87
CA LEU B 230 -13.63 7.41 -12.07
C LEU B 230 -13.36 8.76 -12.73
N PHE B 231 -12.08 9.16 -12.72
CA PHE B 231 -11.68 10.43 -13.33
C PHE B 231 -10.93 10.10 -14.62
N VAL B 232 -11.13 10.92 -15.67
CA VAL B 232 -10.39 10.73 -16.90
C VAL B 232 -9.85 12.12 -17.27
N SER B 233 -8.61 12.22 -17.72
CA SER B 233 -8.09 13.53 -18.19
C SER B 233 -7.03 13.36 -19.22
N GLY B 234 -6.75 14.47 -19.93
CA GLY B 234 -5.67 14.51 -20.91
C GLY B 234 -6.20 14.94 -22.27
N ASN B 235 -5.82 16.14 -22.68
CA ASN B 235 -6.21 16.64 -23.99
C ASN B 235 -7.69 16.79 -24.25
N VAL B 236 -8.43 17.04 -23.18
CA VAL B 236 -9.84 17.34 -23.30
C VAL B 236 -9.95 18.85 -23.59
N ARG B 237 -10.54 19.19 -24.74
CA ARG B 237 -10.57 20.61 -25.14
C ARG B 237 -11.95 21.04 -25.64
N SER B 238 -12.91 20.12 -25.60
CA SER B 238 -14.25 20.45 -26.08
C SER B 238 -15.33 19.82 -25.23
N GLY B 239 -16.51 20.42 -25.28
CA GLY B 239 -17.65 19.90 -24.53
C GLY B 239 -18.04 18.54 -25.11
N ARG B 240 -17.85 18.34 -26.42
CA ARG B 240 -18.18 17.04 -27.02
C ARG B 240 -17.38 15.92 -26.37
N GLN B 241 -16.11 16.19 -26.12
CA GLN B 241 -15.28 15.15 -25.53
C GLN B 241 -15.75 14.89 -24.11
N VAL B 242 -16.14 15.96 -23.40
CA VAL B 242 -16.59 15.76 -22.04
C VAL B 242 -17.81 14.85 -22.04
N THR B 243 -18.77 15.17 -22.91
CA THR B 243 -19.98 14.35 -23.00
C THR B 243 -19.68 12.89 -23.36
N GLU B 244 -18.79 12.69 -24.30
CA GLU B 244 -18.46 11.34 -24.70
C GLU B 244 -17.85 10.54 -23.53
N TYR B 245 -16.96 11.16 -22.76
CA TYR B 245 -16.42 10.43 -21.62
C TYR B 245 -17.46 10.20 -20.54
N LEU B 246 -18.31 11.18 -20.27
CA LEU B 246 -19.37 10.97 -19.28
C LEU B 246 -20.32 9.83 -19.74
N ASP B 247 -20.66 9.83 -21.03
CA ASP B 247 -21.52 8.76 -21.58
C ASP B 247 -20.83 7.40 -21.47
N SER B 248 -19.48 7.42 -21.42
CA SER B 248 -18.69 6.18 -21.31
C SER B 248 -18.51 5.71 -19.88
N GLY B 249 -19.00 6.49 -18.91
CA GLY B 249 -18.92 6.10 -17.53
C GLY B 249 -18.01 6.91 -16.64
N ALA B 250 -17.31 7.91 -17.17
CA ALA B 250 -16.49 8.72 -16.23
C ALA B 250 -17.37 9.49 -15.29
N ASP B 251 -16.94 9.61 -14.02
CA ASP B 251 -17.65 10.45 -13.08
C ASP B 251 -17.19 11.90 -13.29
N TYR B 252 -15.91 12.09 -13.55
CA TYR B 252 -15.39 13.45 -13.77
C TYR B 252 -14.39 13.46 -14.91
N VAL B 253 -14.42 14.57 -15.66
CA VAL B 253 -13.52 14.72 -16.79
C VAL B 253 -12.67 15.97 -16.54
N GLY B 254 -11.37 15.76 -16.39
CA GLY B 254 -10.54 16.89 -16.07
C GLY B 254 -9.94 17.56 -17.26
N PHE B 255 -9.65 18.85 -17.13
CA PHE B 255 -9.02 19.58 -18.22
C PHE B 255 -8.25 20.76 -17.62
N ALA B 256 -7.00 20.88 -18.07
CA ALA B 256 -6.16 21.97 -17.62
C ALA B 256 -5.80 22.86 -18.79
N GLY B 257 -5.04 22.28 -19.71
CA GLY B 257 -4.53 23.08 -20.79
C GLY B 257 -5.46 23.92 -21.62
N ALA B 258 -6.67 23.43 -21.84
CA ALA B 258 -7.61 24.23 -22.61
C ALA B 258 -7.79 25.66 -22.05
N LEU B 259 -7.58 25.86 -20.74
CA LEU B 259 -7.77 27.23 -20.20
C LEU B 259 -6.47 27.98 -19.94
N GLU B 260 -5.33 27.43 -20.39
CA GLU B 260 -4.01 28.07 -20.13
C GLU B 260 -3.68 28.98 -21.29
N GLN B 261 -4.59 29.93 -21.53
CA GLN B 261 -4.42 30.85 -22.66
C GLN B 261 -5.30 32.07 -22.39
N PRO B 262 -5.06 33.17 -23.11
CA PRO B 262 -5.88 34.36 -22.85
C PRO B 262 -7.36 34.29 -23.00
N ASP B 263 -7.84 33.50 -23.96
CA ASP B 263 -9.25 33.42 -24.21
C ASP B 263 -9.88 32.27 -23.42
N TRP B 264 -9.41 32.07 -22.20
CA TRP B 264 -9.99 30.97 -21.45
C TRP B 264 -11.46 31.04 -21.13
N ARG B 265 -12.02 32.26 -21.00
CA ARG B 265 -13.43 32.33 -20.65
C ARG B 265 -14.32 31.72 -21.73
N SER B 266 -13.98 31.94 -22.99
CA SER B 266 -14.75 31.36 -24.09
C SER B 266 -14.60 29.85 -24.08
N ALA B 267 -13.35 29.38 -23.91
CA ALA B 267 -13.14 27.93 -23.90
C ALA B 267 -13.86 27.23 -22.75
N LEU B 268 -13.84 27.86 -21.60
CA LEU B 268 -14.50 27.30 -20.42
C LEU B 268 -16.00 27.24 -20.67
N ALA B 269 -16.60 28.29 -21.24
CA ALA B 269 -18.03 28.24 -21.52
C ALA B 269 -18.41 27.08 -22.47
N GLU B 270 -17.58 26.83 -23.48
CA GLU B 270 -17.82 25.76 -24.44
C GLU B 270 -17.67 24.38 -23.82
N ILE B 271 -16.63 24.21 -23.02
CA ILE B 271 -16.38 22.94 -22.41
C ILE B 271 -17.46 22.57 -21.42
N ALA B 272 -18.01 23.58 -20.74
CA ALA B 272 -19.06 23.38 -19.75
C ALA B 272 -20.47 23.44 -20.34
N GLY B 273 -20.57 23.88 -21.60
CA GLY B 273 -21.87 24.05 -22.26
C GLY B 273 -22.93 22.98 -22.11
#